data_2A5C
#
_entry.id   2A5C
#
_cell.length_a   70.584
_cell.length_b   79.052
_cell.length_c   42.997
_cell.angle_alpha   90.00
_cell.angle_beta   90.00
_cell.angle_gamma   90.00
#
_symmetry.space_group_name_H-M   'P 21 21 2'
#
loop_
_entity.id
_entity.type
_entity.pdbx_description
1 polymer Avidin
2 non-polymer 2-acetamido-2-deoxy-beta-D-glucopyranose
3 non-polymer 8-OXODEOXYADENOSINE
4 water water
#
_entity_poly.entity_id   1
_entity_poly.type   'polypeptide(L)'
_entity_poly.pdbx_seq_one_letter_code
;ARKCSLTGKWTNDLGSNMTIGAVNSRGEFTGTYTTAVTATSNEIKESPLHGTENTINKRTQPTFGFTVNWKFSESTTVFT
GQCFIDRNGKEVLKTMWLLRSSVNDIGDDWKATRVGINIFTRL
;
_entity_poly.pdbx_strand_id   A,B
#
loop_
_chem_comp.id
_chem_comp.type
_chem_comp.name
_chem_comp.formula
8DA non-polymer 8-OXODEOXYADENOSINE 'C10 H15 N5 O4'
NAG D-saccharide, beta linking 2-acetamido-2-deoxy-beta-D-glucopyranose 'C8 H15 N O6'
#
# COMPACT_ATOMS: atom_id res chain seq x y z
N ALA A 1 22.35 -5.70 -16.44
CA ALA A 1 21.56 -6.77 -17.09
C ALA A 1 20.62 -7.43 -16.09
N ARG A 2 20.96 -7.33 -14.82
CA ARG A 2 20.20 -7.99 -13.77
C ARG A 2 19.17 -7.06 -13.12
N LYS A 3 18.20 -6.63 -13.93
CA LYS A 3 17.05 -5.84 -13.46
C LYS A 3 15.86 -6.74 -12.98
N CYS A 4 15.49 -6.59 -11.71
CA CYS A 4 14.36 -7.32 -11.12
C CYS A 4 13.11 -6.52 -11.49
N SER A 5 12.22 -7.16 -12.23
CA SER A 5 11.11 -6.45 -12.88
C SER A 5 9.76 -6.99 -12.41
N LEU A 6 8.84 -6.10 -12.06
CA LEU A 6 7.64 -6.51 -11.38
C LEU A 6 6.70 -7.12 -12.34
N THR A 7 6.89 -6.79 -13.60
CA THR A 7 5.90 -7.15 -14.62
C THR A 7 5.90 -8.66 -14.85
N GLY A 8 4.73 -9.27 -14.82
CA GLY A 8 4.61 -10.71 -15.07
C GLY A 8 3.69 -11.43 -14.13
N LYS A 9 3.92 -12.74 -14.00
CA LYS A 9 3.01 -13.59 -13.22
C LYS A 9 3.75 -14.19 -12.01
N TRP A 10 3.17 -14.01 -10.83
CA TRP A 10 3.82 -14.38 -9.60
C TRP A 10 2.94 -15.30 -8.75
N THR A 11 3.56 -16.15 -7.96
CA THR A 11 2.81 -16.98 -7.04
C THR A 11 3.44 -16.84 -5.67
N ASN A 12 2.77 -17.28 -4.62
CA ASN A 12 3.37 -17.11 -3.30
C ASN A 12 3.42 -18.31 -2.39
N ASP A 13 3.87 -18.07 -1.17
CA ASP A 13 4.05 -19.14 -0.18
C ASP A 13 2.69 -19.73 0.30
N LEU A 14 1.59 -18.98 0.17
CA LEU A 14 0.24 -19.50 0.50
C LEU A 14 -0.53 -19.99 -0.75
N GLY A 15 0.08 -19.88 -1.93
CA GLY A 15 -0.59 -20.42 -3.13
C GLY A 15 -1.51 -19.43 -3.83
N SER A 16 -1.49 -18.16 -3.37
CA SER A 16 -2.14 -17.05 -4.08
CA SER A 16 -2.15 -17.09 -4.09
C SER A 16 -1.29 -16.66 -5.31
N ASN A 17 -1.92 -16.18 -6.38
CA ASN A 17 -1.22 -15.72 -7.58
C ASN A 17 -1.51 -14.24 -7.88
N MET A 18 -0.59 -13.58 -8.58
CA MET A 18 -0.83 -12.21 -8.99
C MET A 18 -0.20 -11.93 -10.31
N THR A 19 -0.89 -11.12 -11.11
CA THR A 19 -0.33 -10.62 -12.37
C THR A 19 -0.19 -9.13 -12.29
N ILE A 20 0.94 -8.63 -12.76
CA ILE A 20 1.23 -7.24 -12.81
C ILE A 20 1.61 -6.93 -14.26
N GLY A 21 1.16 -5.78 -14.78
CA GLY A 21 1.39 -5.42 -16.17
C GLY A 21 2.62 -4.54 -16.29
N ALA A 22 2.66 -3.69 -17.31
CA ALA A 22 3.83 -2.84 -17.55
C ALA A 22 3.95 -1.79 -16.47
N VAL A 23 5.16 -1.55 -15.99
CA VAL A 23 5.34 -0.41 -15.12
C VAL A 23 5.81 0.72 -16.00
N ASN A 24 5.06 1.83 -15.94
CA ASN A 24 5.37 3.04 -16.73
C ASN A 24 6.63 3.76 -16.29
N SER A 25 6.85 4.96 -16.82
CA SER A 25 8.06 5.75 -16.50
C SER A 25 8.04 6.40 -15.10
N ARG A 26 6.86 6.69 -14.57
CA ARG A 26 6.69 7.10 -13.17
C ARG A 26 6.65 5.92 -12.17
N GLY A 27 6.87 4.68 -12.63
CA GLY A 27 6.81 3.50 -11.75
C GLY A 27 5.43 2.93 -11.37
N GLU A 28 4.36 3.39 -12.02
CA GLU A 28 3.00 2.91 -11.74
C GLU A 28 2.73 1.63 -12.48
N PHE A 29 1.95 0.77 -11.83
CA PHE A 29 1.55 -0.48 -12.39
C PHE A 29 0.21 -0.91 -11.79
N THR A 30 -0.53 -1.69 -12.57
CA THR A 30 -1.83 -2.25 -12.20
C THR A 30 -1.65 -3.77 -12.28
N GLY A 31 -2.54 -4.51 -11.63
CA GLY A 31 -2.49 -5.94 -11.74
C GLY A 31 -3.74 -6.62 -11.23
N THR A 32 -3.64 -7.92 -11.07
CA THR A 32 -4.71 -8.70 -10.54
C THR A 32 -4.19 -9.61 -9.45
N TYR A 33 -5.06 -9.91 -8.48
CA TYR A 33 -4.72 -10.75 -7.33
C TYR A 33 -5.76 -11.85 -7.08
N THR A 34 -5.34 -13.12 -7.14
CA THR A 34 -6.15 -14.35 -6.89
C THR A 34 -5.40 -15.14 -5.83
N THR A 35 -5.90 -15.91 -4.85
CA THR A 35 -7.09 -15.95 -3.96
C THR A 35 -8.36 -16.77 -4.35
N ALA A 36 -8.52 -18.04 -3.93
CA ALA A 36 -7.98 -18.75 -2.73
C ALA A 36 -9.02 -18.70 -1.57
N VAL A 37 -10.10 -19.48 -1.72
CA VAL A 37 -11.17 -19.61 -0.70
C VAL A 37 -10.95 -20.84 0.22
N THR A 38 -11.42 -22.02 -0.22
CA THR A 38 -11.42 -23.22 0.64
C THR A 38 -10.98 -24.50 -0.07
N ALA A 39 -11.73 -25.58 0.18
CA ALA A 39 -11.44 -26.87 -0.40
C ALA A 39 -9.99 -26.95 -0.86
N THR A 40 -9.78 -26.86 -2.16
CA THR A 40 -8.42 -26.81 -2.70
C THR A 40 -7.53 -26.05 -1.71
N SER A 41 -7.63 -24.72 -1.76
CA SER A 41 -8.47 -24.04 -2.75
C SER A 41 -9.92 -23.87 -2.28
N ASN A 42 -10.85 -24.26 -3.14
CA ASN A 42 -12.28 -24.01 -2.95
C ASN A 42 -12.81 -23.39 -4.24
N GLU A 43 -12.81 -22.05 -4.33
CA GLU A 43 -12.75 -21.33 -5.66
C GLU A 43 -12.39 -19.83 -5.63
N ILE A 44 -11.88 -19.41 -6.78
CA ILE A 44 -11.02 -18.23 -6.86
C ILE A 44 -11.77 -16.91 -7.07
N LYS A 45 -11.46 -15.90 -6.26
CA LYS A 45 -11.86 -14.51 -6.56
C LYS A 45 -10.64 -13.76 -7.15
N GLU A 46 -10.90 -12.68 -7.87
CA GLU A 46 -9.87 -11.97 -8.57
C GLU A 46 -10.10 -10.53 -8.20
N SER A 47 -9.03 -9.85 -7.82
CA SER A 47 -9.13 -8.51 -7.26
C SER A 47 -8.11 -7.57 -7.88
N PRO A 48 -8.47 -6.30 -8.07
CA PRO A 48 -7.53 -5.39 -8.69
C PRO A 48 -6.46 -4.90 -7.74
N LEU A 49 -5.26 -4.63 -8.27
CA LEU A 49 -4.20 -4.05 -7.48
C LEU A 49 -3.65 -2.86 -8.21
N HIS A 50 -3.14 -1.88 -7.47
CA HIS A 50 -2.52 -0.71 -8.02
C HIS A 50 -1.37 -0.33 -7.11
N GLY A 51 -0.20 -0.06 -7.69
CA GLY A 51 0.90 0.40 -6.89
C GLY A 51 1.94 1.17 -7.64
N THR A 52 3.07 1.40 -6.97
CA THR A 52 4.16 2.10 -7.63
C THR A 52 5.41 1.46 -7.20
N GLU A 53 6.38 1.50 -8.10
CA GLU A 53 7.71 1.06 -7.74
C GLU A 53 8.58 2.30 -7.66
N ASN A 54 9.53 2.29 -6.74
CA ASN A 54 10.38 3.45 -6.51
C ASN A 54 11.47 3.53 -7.56
N THR A 55 11.55 4.66 -8.27
CA THR A 55 12.53 4.81 -9.35
C THR A 55 13.83 5.56 -9.01
N ILE A 56 14.02 5.94 -7.75
CA ILE A 56 15.21 6.72 -7.37
C ILE A 56 16.51 5.90 -7.52
N ASN A 57 17.42 6.40 -8.36
CA ASN A 57 18.68 5.73 -8.74
C ASN A 57 18.46 4.49 -9.63
N LYS A 58 17.34 4.49 -10.38
CA LYS A 58 16.96 3.37 -11.25
C LYS A 58 17.57 2.03 -10.80
N ARG A 59 17.29 1.66 -9.55
CA ARG A 59 17.92 0.48 -8.95
C ARG A 59 17.58 -0.85 -9.65
N THR A 60 18.52 -1.79 -9.64
CA THR A 60 18.21 -3.08 -10.17
C THR A 60 17.21 -3.82 -9.27
N GLN A 61 17.23 -3.48 -7.96
CA GLN A 61 16.37 -4.13 -6.95
C GLN A 61 15.52 -3.07 -6.25
N PRO A 62 14.50 -2.55 -6.94
CA PRO A 62 13.77 -1.46 -6.36
C PRO A 62 12.77 -1.93 -5.27
N THR A 63 12.37 -0.99 -4.41
CA THR A 63 11.31 -1.21 -3.47
C THR A 63 10.00 -0.85 -4.19
N PHE A 64 8.87 -1.37 -3.69
CA PHE A 64 7.55 -1.06 -4.24
C PHE A 64 6.45 -1.15 -3.19
N GLY A 65 5.28 -0.63 -3.53
CA GLY A 65 4.11 -0.77 -2.70
C GLY A 65 2.90 -0.98 -3.59
N PHE A 66 1.86 -1.64 -3.08
CA PHE A 66 0.62 -1.78 -3.82
C PHE A 66 -0.55 -2.07 -2.95
N THR A 67 -1.73 -1.68 -3.41
CA THR A 67 -2.92 -1.86 -2.66
C THR A 67 -3.79 -2.86 -3.33
N VAL A 68 -4.26 -3.82 -2.58
CA VAL A 68 -5.27 -4.70 -3.09
C VAL A 68 -6.61 -4.31 -2.52
N ASN A 69 -7.50 -4.00 -3.45
CA ASN A 69 -8.85 -3.60 -3.17
C ASN A 69 -9.78 -4.84 -3.26
N TRP A 70 -9.92 -5.58 -2.15
CA TRP A 70 -10.64 -6.87 -2.21
C TRP A 70 -12.05 -6.74 -2.75
N LYS A 71 -12.42 -7.68 -3.64
CA LYS A 71 -13.77 -7.69 -4.28
C LYS A 71 -14.82 -8.45 -3.48
N PHE A 72 -14.38 -9.40 -2.67
CA PHE A 72 -15.30 -10.23 -1.94
C PHE A 72 -15.47 -9.75 -0.48
N SER A 73 -14.87 -8.61 -0.13
CA SER A 73 -14.99 -8.04 1.23
C SER A 73 -14.85 -6.50 1.32
N GLU A 74 -15.08 -5.96 2.50
CA GLU A 74 -14.88 -4.57 2.70
C GLU A 74 -13.44 -4.24 3.03
N SER A 75 -12.54 -5.23 2.93
CA SER A 75 -11.17 -5.06 3.44
C SER A 75 -10.20 -4.51 2.42
N THR A 76 -9.11 -3.93 2.89
CA THR A 76 -8.06 -3.55 2.00
C THR A 76 -6.73 -4.12 2.52
N THR A 77 -5.87 -4.55 1.59
CA THR A 77 -4.51 -4.96 1.95
C THR A 77 -3.44 -4.13 1.22
N VAL A 78 -2.43 -3.69 1.95
CA VAL A 78 -1.26 -3.08 1.29
C VAL A 78 -0.05 -3.98 1.46
N PHE A 79 0.71 -4.13 0.39
CA PHE A 79 1.94 -4.89 0.41
C PHE A 79 3.07 -3.90 0.15
N THR A 80 4.17 -4.08 0.86
CA THR A 80 5.40 -3.40 0.46
C THR A 80 6.60 -4.32 0.60
N GLY A 81 7.56 -4.14 -0.28
CA GLY A 81 8.76 -4.95 -0.20
C GLY A 81 9.74 -4.61 -1.31
N GLN A 82 10.55 -5.62 -1.66
CA GLN A 82 11.66 -5.40 -2.58
C GLN A 82 11.82 -6.56 -3.55
N CYS A 83 12.19 -6.24 -4.79
CA CYS A 83 12.43 -7.23 -5.83
C CYS A 83 13.90 -7.58 -5.81
N PHE A 84 14.27 -8.77 -5.34
CA PHE A 84 15.67 -9.23 -5.36
C PHE A 84 16.04 -10.21 -6.47
N ILE A 85 17.36 -10.43 -6.60
CA ILE A 85 17.99 -11.59 -7.29
C ILE A 85 19.37 -11.73 -6.64
N ASP A 86 19.71 -12.81 -5.95
CA ASP A 86 19.28 -14.19 -6.17
C ASP A 86 20.10 -14.82 -7.33
N ARG A 87 20.60 -16.03 -7.06
CA ARG A 87 21.81 -16.57 -7.73
C ARG A 87 21.61 -17.24 -9.10
N ASN A 88 21.07 -16.47 -10.04
CA ASN A 88 21.03 -16.86 -11.45
C ASN A 88 20.79 -15.68 -12.40
N GLY A 89 19.53 -15.44 -12.79
CA GLY A 89 18.42 -16.29 -12.39
C GLY A 89 17.29 -15.71 -11.51
N LYS A 90 16.99 -16.47 -10.47
CA LYS A 90 15.73 -16.45 -9.75
C LYS A 90 15.45 -15.06 -9.14
N GLU A 91 14.41 -14.39 -9.66
CA GLU A 91 13.84 -13.18 -9.09
C GLU A 91 12.93 -13.58 -7.94
N VAL A 92 12.91 -12.81 -6.86
CA VAL A 92 12.07 -13.09 -5.71
C VAL A 92 11.57 -11.76 -5.14
N LEU A 93 10.28 -11.68 -4.82
CA LEU A 93 9.70 -10.50 -4.17
C LEU A 93 9.52 -10.84 -2.68
N LYS A 94 10.12 -10.06 -1.79
CA LYS A 94 9.95 -10.28 -0.34
C LYS A 94 9.07 -9.15 0.12
N THR A 95 7.85 -9.46 0.57
CA THR A 95 6.94 -8.41 0.90
C THR A 95 6.50 -8.50 2.36
N MET A 96 5.99 -7.38 2.85
CA MET A 96 5.26 -7.39 4.09
C MET A 96 3.96 -6.72 3.75
N TRP A 97 2.89 -7.14 4.42
CA TRP A 97 1.58 -6.60 4.18
C TRP A 97 0.88 -6.19 5.46
N LEU A 98 -0.08 -5.27 5.32
CA LEU A 98 -1.06 -4.94 6.36
C LEU A 98 -2.45 -5.15 5.76
N LEU A 99 -3.29 -5.90 6.46
CA LEU A 99 -4.65 -6.23 6.03
C LEU A 99 -5.55 -5.47 6.97
N ARG A 100 -6.25 -4.49 6.42
CA ARG A 100 -7.19 -3.72 7.21
C ARG A 100 -8.63 -4.26 7.08
N SER A 101 -9.25 -4.57 8.19
CA SER A 101 -10.67 -4.91 8.15
C SER A 101 -11.46 -3.63 8.39
N SER A 102 -12.69 -3.62 7.88
CA SER A 102 -13.66 -2.62 8.24
C SER A 102 -14.32 -2.89 9.63
N VAL A 103 -14.32 -1.90 10.50
CA VAL A 103 -15.03 -2.05 11.75
C VAL A 103 -16.13 -0.99 11.75
N ASN A 104 -17.16 -1.18 12.57
CA ASN A 104 -18.31 -0.26 12.52
C ASN A 104 -18.08 0.94 13.43
N ASP A 105 -17.47 0.75 14.59
CA ASP A 105 -17.22 1.84 15.50
C ASP A 105 -15.72 2.06 15.58
N ILE A 106 -15.32 3.31 15.51
CA ILE A 106 -13.96 3.72 15.79
C ILE A 106 -13.40 3.17 17.10
N GLY A 107 -14.27 2.71 18.01
CA GLY A 107 -13.83 2.16 19.30
C GLY A 107 -13.14 0.85 19.09
N ASP A 108 -13.47 0.22 17.97
CA ASP A 108 -12.93 -1.05 17.51
C ASP A 108 -11.69 -0.96 16.58
N ASP A 109 -11.25 0.25 16.27
CA ASP A 109 -10.08 0.47 15.41
C ASP A 109 -8.84 -0.30 15.79
N TRP A 110 -8.57 -0.41 17.08
CA TRP A 110 -7.33 -1.01 17.56
C TRP A 110 -7.18 -2.43 17.05
N LYS A 111 -8.29 -3.09 16.73
CA LYS A 111 -8.19 -4.49 16.36
C LYS A 111 -8.28 -4.81 14.82
N ALA A 112 -8.17 -3.77 14.00
CA ALA A 112 -8.60 -3.85 12.61
C ALA A 112 -7.45 -4.16 11.67
N THR A 113 -6.25 -4.32 12.21
CA THR A 113 -5.08 -4.45 11.34
C THR A 113 -4.25 -5.73 11.56
N ARG A 114 -4.22 -6.57 10.54
CA ARG A 114 -3.33 -7.70 10.63
C ARG A 114 -2.06 -7.41 9.84
N VAL A 115 -0.99 -8.04 10.27
CA VAL A 115 0.23 -7.90 9.57
C VAL A 115 0.74 -9.31 9.21
N GLY A 116 1.47 -9.41 8.09
CA GLY A 116 2.22 -10.63 7.77
C GLY A 116 3.18 -10.45 6.62
N ILE A 117 3.58 -11.56 6.04
CA ILE A 117 4.55 -11.57 4.95
C ILE A 117 4.07 -12.35 3.78
N ASN A 118 4.72 -12.09 2.65
CA ASN A 118 4.61 -12.96 1.49
C ASN A 118 5.88 -12.95 0.72
N ILE A 119 6.33 -14.14 0.37
CA ILE A 119 7.38 -14.29 -0.61
C ILE A 119 6.76 -14.73 -1.92
N PHE A 120 7.12 -14.07 -3.01
CA PHE A 120 6.59 -14.34 -4.36
C PHE A 120 7.69 -14.82 -5.31
N THR A 121 7.40 -15.82 -6.12
CA THR A 121 8.32 -16.26 -7.19
C THR A 121 7.59 -16.24 -8.54
N ARG A 122 8.30 -16.21 -9.65
CA ARG A 122 7.64 -16.28 -10.98
C ARG A 122 6.94 -17.61 -11.22
N LEU A 123 5.73 -17.57 -11.79
CA LEU A 123 4.91 -18.75 -12.08
C LEU A 123 5.48 -19.63 -13.21
N ALA B 1 -25.95 9.75 9.70
CA ALA B 1 -24.48 9.74 9.46
C ALA B 1 -24.18 9.85 7.96
N ARG B 2 -23.48 10.92 7.59
CA ARG B 2 -23.07 11.15 6.20
C ARG B 2 -21.72 10.49 5.92
N LYS B 3 -21.09 10.87 4.81
CA LYS B 3 -19.95 10.16 4.26
C LYS B 3 -18.70 10.49 5.04
N CYS B 4 -17.68 9.64 4.92
CA CYS B 4 -16.31 10.03 5.21
C CYS B 4 -15.56 9.90 3.91
N SER B 5 -15.12 11.03 3.37
CA SER B 5 -14.59 11.12 2.01
C SER B 5 -13.10 11.40 2.05
N LEU B 6 -12.34 10.63 1.29
CA LEU B 6 -10.88 10.79 1.29
C LEU B 6 -10.43 12.06 0.62
N THR B 7 -11.22 12.54 -0.33
CA THR B 7 -10.89 13.75 -1.10
C THR B 7 -10.73 14.97 -0.25
N GLY B 8 -9.57 15.65 -0.35
CA GLY B 8 -9.33 16.91 0.33
C GLY B 8 -7.92 17.02 0.89
N LYS B 9 -7.74 17.80 1.95
CA LYS B 9 -6.41 18.09 2.45
C LYS B 9 -6.31 17.63 3.89
N TRP B 10 -5.27 16.90 4.21
CA TRP B 10 -5.22 16.27 5.52
C TRP B 10 -3.92 16.60 6.19
N THR B 11 -3.92 16.53 7.53
CA THR B 11 -2.69 16.66 8.31
C THR B 11 -2.60 15.58 9.36
N ASN B 12 -1.44 15.38 9.93
CA ASN B 12 -1.35 14.29 10.83
C ASN B 12 -0.60 14.56 12.14
N ASP B 13 -0.54 13.52 12.97
CA ASP B 13 0.06 13.58 14.30
C ASP B 13 1.58 13.95 14.29
N LEU B 14 2.29 13.71 13.18
CA LEU B 14 3.69 14.18 13.08
C LEU B 14 3.83 15.49 12.31
N GLY B 15 2.73 16.16 11.94
CA GLY B 15 2.86 17.42 11.20
C GLY B 15 3.09 17.31 9.70
N SER B 16 3.09 16.10 9.12
CA SER B 16 3.08 15.96 7.66
C SER B 16 1.71 16.24 7.12
N ASN B 17 1.60 16.59 5.84
CA ASN B 17 0.32 16.91 5.20
C ASN B 17 0.10 16.09 3.93
N MET B 18 -1.14 15.78 3.60
CA MET B 18 -1.41 15.14 2.35
C MET B 18 -2.68 15.68 1.72
N THR B 19 -2.66 15.73 0.41
CA THR B 19 -3.81 16.10 -0.39
C THR B 19 -4.19 14.89 -1.23
N ILE B 20 -5.48 14.60 -1.28
CA ILE B 20 -5.98 13.53 -2.11
C ILE B 20 -7.04 14.14 -3.04
N GLY B 21 -7.05 13.72 -4.30
CA GLY B 21 -7.95 14.26 -5.32
C GLY B 21 -9.27 13.52 -5.34
N ALA B 22 -9.90 13.41 -6.49
CA ALA B 22 -11.22 12.80 -6.56
C ALA B 22 -11.03 11.32 -6.53
N VAL B 23 -11.95 10.61 -5.90
CA VAL B 23 -11.93 9.18 -6.05
C VAL B 23 -12.94 8.76 -7.06
N ASN B 24 -12.45 8.08 -8.10
CA ASN B 24 -13.28 7.71 -9.25
C ASN B 24 -14.24 6.58 -8.87
N SER B 25 -14.94 6.03 -9.86
CA SER B 25 -15.98 5.03 -9.60
C SER B 25 -15.42 3.64 -9.21
N ARG B 26 -14.18 3.35 -9.61
CA ARG B 26 -13.46 2.16 -9.15
C ARG B 26 -12.74 2.29 -7.81
N GLY B 27 -12.84 3.45 -7.16
CA GLY B 27 -12.19 3.67 -5.86
C GLY B 27 -10.78 4.25 -5.97
N GLU B 28 -10.36 4.62 -7.18
CA GLU B 28 -8.98 5.06 -7.37
C GLU B 28 -8.79 6.50 -6.99
N PHE B 29 -7.61 6.81 -6.50
CA PHE B 29 -7.30 8.20 -6.25
C PHE B 29 -5.78 8.42 -6.32
N THR B 30 -5.41 9.64 -6.69
CA THR B 30 -4.03 10.13 -6.65
C THR B 30 -3.97 11.21 -5.59
N GLY B 31 -2.75 11.65 -5.25
CA GLY B 31 -2.59 12.81 -4.38
C GLY B 31 -1.14 13.16 -4.18
N THR B 32 -0.88 13.90 -3.11
CA THR B 32 0.47 14.35 -2.79
C THR B 32 0.71 14.15 -1.29
N TYR B 33 1.96 13.91 -0.95
CA TYR B 33 2.35 13.73 0.45
C TYR B 33 3.54 14.63 0.77
N THR B 34 3.37 15.51 1.75
CA THR B 34 4.32 16.56 2.07
C THR B 34 4.80 16.28 3.45
N THR B 35 6.10 16.11 3.59
CA THR B 35 6.70 15.59 4.81
C THR B 35 7.88 16.48 5.25
N ALA B 36 8.44 16.20 6.43
CA ALA B 36 9.62 16.94 6.98
C ALA B 36 10.14 16.22 8.28
N VAL B 37 11.11 16.76 9.05
CA VAL B 37 11.70 18.13 8.93
C VAL B 37 13.17 18.15 8.50
N THR B 38 14.00 17.40 9.21
CA THR B 38 15.42 17.35 8.91
C THR B 38 16.04 18.76 8.91
N ALA B 39 16.18 19.35 10.09
CA ALA B 39 16.78 20.68 10.25
C ALA B 39 17.27 20.90 11.68
N THR B 40 17.54 22.14 12.07
CA THR B 40 17.36 23.34 11.23
C THR B 40 16.13 23.32 10.33
N SER B 41 16.37 23.29 9.03
CA SER B 41 15.31 23.35 8.04
C SER B 41 15.55 22.38 6.89
N ASN B 42 15.90 22.93 5.70
CA ASN B 42 15.96 22.08 4.51
C ASN B 42 14.69 21.26 4.33
N GLU B 43 13.55 22.01 4.40
CA GLU B 43 12.31 21.44 4.94
C GLU B 43 11.51 20.46 4.07
N ILE B 44 10.72 20.99 3.15
CA ILE B 44 9.58 20.22 2.63
C ILE B 44 9.73 19.60 1.24
N LYS B 45 9.78 18.26 1.20
CA LYS B 45 9.68 17.50 -0.06
C LYS B 45 8.22 17.10 -0.32
N GLU B 46 7.91 16.79 -1.57
CA GLU B 46 6.57 16.53 -1.99
C GLU B 46 6.67 15.23 -2.77
N SER B 47 5.88 14.23 -2.40
CA SER B 47 5.96 12.93 -3.05
C SER B 47 4.58 12.53 -3.52
N PRO B 48 4.50 11.81 -4.65
CA PRO B 48 3.18 11.37 -5.14
C PRO B 48 2.64 10.18 -4.37
N LEU B 49 1.31 10.07 -4.29
CA LEU B 49 0.64 8.87 -3.79
C LEU B 49 -0.46 8.42 -4.69
N HIS B 50 -0.79 7.13 -4.58
CA HIS B 50 -1.76 6.47 -5.45
C HIS B 50 -2.36 5.37 -4.63
N GLY B 51 -3.68 5.30 -4.65
CA GLY B 51 -4.32 4.30 -3.84
C GLY B 51 -5.68 3.92 -4.26
N THR B 52 -6.35 3.13 -3.46
CA THR B 52 -7.73 2.80 -3.74
C THR B 52 -8.48 2.72 -2.44
N GLU B 53 -9.73 3.05 -2.55
CA GLU B 53 -10.66 2.97 -1.46
C GLU B 53 -11.52 1.77 -1.82
N ASN B 54 -11.84 0.95 -0.83
CA ASN B 54 -12.77 -0.14 -1.05
C ASN B 54 -14.20 0.37 -1.20
N THR B 55 -14.89 -0.11 -2.24
CA THR B 55 -16.28 0.28 -2.49
C THR B 55 -17.34 -0.79 -2.20
N ILE B 56 -16.94 -1.99 -1.71
CA ILE B 56 -17.94 -3.02 -1.41
C ILE B 56 -18.94 -2.57 -0.32
N ASN B 57 -20.24 -2.58 -0.68
CA ASN B 57 -21.36 -2.06 0.14
C ASN B 57 -21.37 -0.52 0.31
N LYS B 58 -20.71 0.18 -0.62
CA LYS B 58 -20.65 1.66 -0.62
C LYS B 58 -20.72 2.24 0.77
N ARG B 59 -19.84 1.75 1.64
CA ARG B 59 -19.85 2.13 3.06
C ARG B 59 -19.57 3.60 3.30
N THR B 60 -20.12 4.12 4.39
CA THR B 60 -19.92 5.51 4.75
C THR B 60 -18.55 5.72 5.37
N GLN B 61 -17.95 4.64 5.87
CA GLN B 61 -16.65 4.66 6.51
C GLN B 61 -15.75 3.57 5.87
N PRO B 62 -15.30 3.82 4.62
CA PRO B 62 -14.64 2.77 3.85
C PRO B 62 -13.20 2.58 4.30
N THR B 63 -12.62 1.42 4.01
CA THR B 63 -11.20 1.17 4.19
C THR B 63 -10.50 1.59 2.90
N PHE B 64 -9.19 1.79 2.96
CA PHE B 64 -8.43 2.21 1.83
C PHE B 64 -6.97 1.84 2.04
N GLY B 65 -6.21 1.84 0.95
CA GLY B 65 -4.77 1.79 1.04
C GLY B 65 -4.15 2.70 0.00
N PHE B 66 -2.93 3.14 0.27
CA PHE B 66 -2.16 3.88 -0.69
C PHE B 66 -0.66 3.70 -0.51
N THR B 67 0.06 3.96 -1.59
CA THR B 67 1.52 3.80 -1.66
C THR B 67 2.14 5.13 -1.89
N VAL B 68 3.12 5.45 -1.10
CA VAL B 68 3.83 6.68 -1.30
C VAL B 68 5.18 6.30 -1.80
N ASN B 69 5.47 6.89 -2.93
CA ASN B 69 6.67 6.63 -3.68
C ASN B 69 7.69 7.74 -3.35
N TRP B 70 8.55 7.56 -2.36
CA TRP B 70 9.32 8.72 -1.91
C TRP B 70 10.28 9.34 -2.96
N LYS B 71 10.21 10.65 -3.10
CA LYS B 71 11.09 11.37 -4.04
C LYS B 71 12.51 11.55 -3.53
N PHE B 72 12.69 11.58 -2.22
CA PHE B 72 14.00 11.94 -1.67
C PHE B 72 14.79 10.70 -1.25
N SER B 73 14.17 9.53 -1.37
CA SER B 73 14.87 8.28 -1.04
C SER B 73 14.52 7.09 -1.94
N GLU B 74 15.20 5.97 -1.71
CA GLU B 74 14.82 4.75 -2.40
C GLU B 74 13.65 4.03 -1.70
N SER B 75 13.06 4.66 -0.68
CA SER B 75 12.08 3.91 0.12
C SER B 75 10.68 4.06 -0.36
N THR B 76 9.84 3.09 0.01
CA THR B 76 8.40 3.15 -0.31
C THR B 76 7.64 3.02 1.00
N THR B 77 6.56 3.76 1.16
CA THR B 77 5.68 3.50 2.29
C THR B 77 4.27 3.13 1.87
N VAL B 78 3.67 2.14 2.53
CA VAL B 78 2.25 1.90 2.30
C VAL B 78 1.40 2.23 3.49
N PHE B 79 0.29 2.92 3.26
CA PHE B 79 -0.65 3.17 4.36
C PHE B 79 -1.92 2.42 4.12
N THR B 80 -2.55 1.94 5.19
CA THR B 80 -3.91 1.39 5.08
C THR B 80 -4.66 1.72 6.31
N GLY B 81 -5.96 1.89 6.18
CA GLY B 81 -6.75 2.28 7.32
C GLY B 81 -8.13 2.58 6.89
N GLN B 82 -8.85 3.32 7.73
CA GLN B 82 -10.28 3.48 7.56
C GLN B 82 -10.66 4.94 7.78
N CYS B 83 -11.63 5.43 7.02
CA CYS B 83 -12.16 6.79 7.17
C CYS B 83 -13.33 6.80 8.13
N PHE B 84 -13.16 7.33 9.33
CA PHE B 84 -14.25 7.37 10.30
C PHE B 84 -14.88 8.71 10.46
N ILE B 85 -16.12 8.66 10.91
CA ILE B 85 -16.74 9.81 11.55
C ILE B 85 -16.50 9.61 13.01
N ASP B 86 -15.61 10.38 13.57
CA ASP B 86 -15.35 10.26 14.99
C ASP B 86 -16.59 10.60 15.83
N ARG B 87 -16.55 10.21 17.11
CA ARG B 87 -17.63 10.43 18.09
C ARG B 87 -18.03 11.91 18.15
N ASN B 88 -17.04 12.77 17.91
CA ASN B 88 -17.23 14.18 17.95
C ASN B 88 -17.78 14.77 16.64
N GLY B 89 -18.03 13.92 15.65
CA GLY B 89 -18.54 14.33 14.36
C GLY B 89 -17.47 14.55 13.29
N LYS B 90 -16.22 14.85 13.69
CA LYS B 90 -15.12 15.18 12.76
C LYS B 90 -14.64 13.96 11.95
N GLU B 91 -14.35 14.15 10.67
CA GLU B 91 -13.79 13.03 9.89
C GLU B 91 -12.38 12.74 10.36
N VAL B 92 -12.00 11.47 10.38
CA VAL B 92 -10.66 11.08 10.82
C VAL B 92 -10.20 9.87 10.02
N LEU B 93 -8.96 9.91 9.55
CA LEU B 93 -8.35 8.71 8.98
C LEU B 93 -7.44 8.07 10.00
N LYS B 94 -7.77 6.86 10.44
CA LYS B 94 -6.87 6.03 11.27
C LYS B 94 -6.08 5.08 10.37
N THR B 95 -4.76 5.26 10.30
CA THR B 95 -3.99 4.44 9.42
C THR B 95 -2.83 3.75 10.10
N MET B 96 -2.40 2.66 9.51
CA MET B 96 -1.16 2.04 9.83
C MET B 96 -0.37 1.99 8.55
N TRP B 97 0.94 2.15 8.71
CA TRP B 97 1.85 2.09 7.59
C TRP B 97 2.99 1.06 7.78
N LEU B 98 3.58 0.66 6.65
CA LEU B 98 4.83 -0.09 6.56
C LEU B 98 5.78 0.70 5.69
N LEU B 99 6.96 1.01 6.22
CA LEU B 99 7.98 1.82 5.53
C LEU B 99 9.03 0.86 5.15
N ARG B 100 9.23 0.67 3.86
CA ARG B 100 10.23 -0.30 3.40
C ARG B 100 11.45 0.42 2.89
N SER B 101 12.59 0.03 3.40
CA SER B 101 13.87 0.56 3.00
C SER B 101 14.46 -0.35 1.99
N SER B 102 15.27 0.22 1.11
CA SER B 102 16.06 -0.54 0.16
C SER B 102 17.31 -1.15 0.82
N VAL B 103 17.53 -2.45 0.68
CA VAL B 103 18.78 -3.01 1.16
C VAL B 103 19.56 -3.53 -0.07
N ASN B 104 20.86 -3.75 0.09
CA ASN B 104 21.65 -4.19 -1.07
C ASN B 104 21.64 -5.68 -1.15
N ASP B 105 21.82 -6.36 -0.02
CA ASP B 105 21.76 -7.82 -0.06
C ASP B 105 20.46 -8.44 0.55
N ILE B 106 19.89 -9.40 -0.15
CA ILE B 106 18.70 -10.10 0.35
C ILE B 106 18.91 -10.72 1.76
N GLY B 107 20.17 -10.72 2.23
CA GLY B 107 20.43 -11.21 3.60
C GLY B 107 20.02 -10.15 4.64
N ASP B 108 19.91 -8.91 4.18
CA ASP B 108 19.55 -7.75 5.01
C ASP B 108 18.05 -7.42 4.93
N ASP B 109 17.28 -8.23 4.20
CA ASP B 109 15.82 -8.08 4.08
C ASP B 109 15.08 -8.06 5.44
N TRP B 110 15.48 -8.90 6.38
CA TRP B 110 14.81 -9.00 7.67
C TRP B 110 14.69 -7.65 8.33
N LYS B 111 15.59 -6.72 8.01
CA LYS B 111 15.57 -5.46 8.75
C LYS B 111 15.02 -4.26 8.01
N ALA B 112 14.32 -4.52 6.92
CA ALA B 112 14.01 -3.46 5.96
C ALA B 112 12.64 -2.83 6.15
N THR B 113 11.87 -3.35 7.09
CA THR B 113 10.49 -2.90 7.22
C THR B 113 10.17 -2.31 8.59
N ARG B 114 9.93 -0.99 8.60
CA ARG B 114 9.39 -0.35 9.78
C ARG B 114 7.88 -0.31 9.70
N VAL B 115 7.24 -0.23 10.86
CA VAL B 115 5.81 -0.16 10.98
C VAL B 115 5.42 0.96 11.94
N GLY B 116 4.27 1.58 11.72
CA GLY B 116 3.74 2.53 12.66
C GLY B 116 2.34 2.98 12.32
N ILE B 117 1.94 4.14 12.83
CA ILE B 117 0.60 4.63 12.63
C ILE B 117 0.61 6.07 12.22
N ASN B 118 -0.54 6.51 11.71
CA ASN B 118 -0.81 7.90 11.49
C ASN B 118 -2.29 8.13 11.54
N ILE B 119 -2.65 9.21 12.22
CA ILE B 119 -4.01 9.67 12.40
C ILE B 119 -4.03 10.98 11.65
N PHE B 120 -5.01 11.12 10.76
CA PHE B 120 -5.12 12.32 9.90
C PHE B 120 -6.42 13.01 10.19
N THR B 121 -6.40 14.34 10.31
CA THR B 121 -7.62 15.19 10.35
C THR B 121 -7.56 16.27 9.22
N ARG B 122 -8.71 16.84 8.86
CA ARG B 122 -8.74 17.82 7.76
C ARG B 122 -8.01 19.10 8.12
N LEU B 123 -7.30 19.66 7.15
CA LEU B 123 -6.51 20.87 7.39
C LEU B 123 -7.42 22.07 7.53
C1 NAG C . -2.16 -20.23 -9.11
C2 NAG C . -3.51 -20.90 -8.79
C3 NAG C . -3.55 -22.42 -9.11
C4 NAG C . -2.79 -22.78 -10.38
C5 NAG C . -1.55 -21.91 -10.62
C6 NAG C . -0.91 -22.15 -11.99
C7 NAG C . -5.07 -19.80 -7.33
C8 NAG C . -5.49 -19.37 -5.95
N2 NAG C . -4.01 -20.60 -7.45
O3 NAG C . -4.85 -22.85 -9.40
O4 NAG C . -2.42 -24.15 -10.30
O5 NAG C . -1.86 -20.54 -10.47
O6 NAG C . -1.92 -22.42 -12.95
O7 NAG C . -5.70 -19.37 -8.30
O19 8DA D . -4.23 -9.90 2.64
C5' 8DA D . -3.17 -10.84 2.88
C4' 8DA D . -2.92 -11.74 1.67
C3' 8DA D . -2.34 -13.00 2.20
O3' 8DA D . -1.58 -13.26 1.04
O4' 8DA D . -4.12 -12.17 1.03
C1' 8DA D . -4.43 -13.55 1.21
C2' 8DA D . -3.32 -14.13 2.06
N9 8DA D . -5.79 -13.85 1.72
C4 8DA D . -6.78 -13.04 2.12
N3 8DA D . -6.80 -11.61 2.19
C5 8DA D . -7.97 -13.83 2.50
N7 8DA D . -7.65 -15.14 2.32
C8 8DA D . -6.37 -15.06 1.85
O18 8DA D . -5.71 -16.14 1.56
C6 8DA D . -9.09 -13.08 2.94
N6 8DA D . -10.21 -13.75 3.31
N1 8DA D . -9.05 -11.70 2.99
C2 8DA D . -7.94 -11.01 2.63
C1 NAG E . 1.04 21.35 6.93
C2 NAG E . 2.44 21.98 6.87
C3 NAG E . 2.48 23.24 7.76
C4 NAG E . 1.52 24.23 7.10
C5 NAG E . 0.16 23.61 7.37
C6 NAG E . -0.95 24.54 6.89
C7 NAG E . 4.21 20.47 6.24
C8 NAG E . 5.30 19.51 6.62
N2 NAG E . 3.43 20.97 7.20
O3 NAG E . 3.75 23.81 7.98
O4 NAG E . 1.63 25.52 7.68
O5 NAG E . 0.03 22.34 6.73
O6 NAG E . -2.02 24.37 7.78
O7 NAG E . 4.04 20.78 5.07
O19 8DA F . 6.20 6.47 7.63
C5' 8DA F . 6.32 7.10 6.37
C4' 8DA F . 5.76 8.50 6.58
C3' 8DA F . 5.48 8.73 8.03
O3' 8DA F . 4.23 9.36 7.84
O4' 8DA F . 6.67 9.52 6.16
C1' 8DA F . 7.06 10.37 7.24
C2' 8DA F . 6.39 9.84 8.48
N9 8DA F . 8.53 10.57 7.23
C4 8DA F . 9.43 9.92 6.50
N3 8DA F . 9.21 8.80 5.58
C5 8DA F . 10.79 10.46 6.76
N7 8DA F . 10.65 11.47 7.66
C8 8DA F . 9.29 11.48 7.88
O18 8DA F . 8.75 12.30 8.69
C6 8DA F . 11.82 9.83 6.04
N6 8DA F . 13.08 10.27 6.19
N1 8DA F . 11.54 8.81 5.17
C2 8DA F . 10.28 8.33 4.96
#